data_1KQP
#
_entry.id   1KQP
#
_cell.length_a   52.280
_cell.length_b   84.790
_cell.length_c   59.640
_cell.angle_alpha   90.00
_cell.angle_beta   110.50
_cell.angle_gamma   90.00
#
_symmetry.space_group_name_H-M   'P 1 21 1'
#
loop_
_entity.id
_entity.type
_entity.pdbx_description
1 polymer 'NH(3)-dependent NAD(+) synthetase'
2 non-polymer 'MAGNESIUM ION'
3 non-polymer 1,2-ETHANEDIOL
4 non-polymer 'NICOTINAMIDE-ADENINE-DINUCLEOTIDE-ADENYLATE INTERMEDIATE'
5 non-polymer 'PYROPHOSPHATE 2-'
6 water water
#
_entity_poly.entity_id   1
_entity_poly.type   'polypeptide(L)'
_entity_poly.pdbx_seq_one_letter_code
;SMQEKIMRELHVKPSIDPKQEIEDRVNFLKQYVKKTGAKGFVLGISGGQDSTLAGRLAQLAVESIREEGGDAQFIAVRLP
HGTQQDEDDAQLALKFIKPDKSWKFDIKSTVSAFSDQYQQETGDQLTDFNKGNVKARTRMIAQYAIGGQEGLLVLGTDHA
AEAVTGFFTKYGDGGADLLPLTGLTKRQGRTLLKELGAPERLYLKEPTADLLDEKPQQSDETELGISYDEIDDYLEGKEV
SAKVSEALEKRYSMTEHKRQVPASMFDDWWK
;
_entity_poly.pdbx_strand_id   A,B
#
# COMPACT_ATOMS: atom_id res chain seq x y z
N SER A 1 -8.56 30.32 -1.64
CA SER A 1 -9.65 29.37 -1.90
C SER A 1 -9.25 27.91 -1.71
N MET A 2 -10.23 27.01 -1.66
CA MET A 2 -9.89 25.58 -1.62
C MET A 2 -9.16 25.18 -2.88
N GLN A 3 -9.48 25.75 -4.01
CA GLN A 3 -8.81 25.45 -5.27
C GLN A 3 -7.33 25.75 -5.13
N GLU A 4 -6.97 26.92 -4.62
CA GLU A 4 -5.55 27.25 -4.44
C GLU A 4 -4.84 26.30 -3.52
N LYS A 5 -5.51 25.90 -2.46
CA LYS A 5 -4.98 24.98 -1.48
C LYS A 5 -4.70 23.63 -2.12
N ILE A 6 -5.67 23.07 -2.85
CA ILE A 6 -5.52 21.81 -3.55
C ILE A 6 -4.38 21.93 -4.56
N MET A 7 -4.27 23.00 -5.31
CA MET A 7 -3.16 23.18 -6.23
C MET A 7 -1.81 23.12 -5.54
N ARG A 8 -1.72 23.76 -4.39
CA ARG A 8 -0.49 23.76 -3.62
C ARG A 8 -0.19 22.36 -3.13
N GLU A 9 -1.20 21.68 -2.58
CA GLU A 9 -0.96 20.36 -1.98
C GLU A 9 -0.61 19.32 -3.00
N LEU A 10 -1.16 19.44 -4.20
CA LEU A 10 -0.88 18.48 -5.25
C LEU A 10 0.28 18.91 -6.13
N HIS A 11 0.91 20.05 -5.87
CA HIS A 11 2.11 20.51 -6.58
C HIS A 11 1.89 20.90 -8.03
N VAL A 12 0.75 21.52 -8.34
CA VAL A 12 0.41 21.84 -9.71
C VAL A 12 0.83 23.27 -10.07
N LYS A 13 1.48 23.38 -11.21
CA LYS A 13 1.74 24.71 -11.82
C LYS A 13 0.71 25.11 -12.85
N PRO A 14 0.27 26.37 -12.92
CA PRO A 14 -0.62 26.75 -14.04
C PRO A 14 -0.02 26.64 -15.43
N SER A 15 1.30 26.91 -15.53
CA SER A 15 2.05 26.92 -16.77
C SER A 15 3.35 26.13 -16.55
N ILE A 16 3.70 25.32 -17.51
CA ILE A 16 4.93 24.55 -17.37
C ILE A 16 5.84 24.88 -18.54
N ASP A 17 7.10 24.51 -18.29
CA ASP A 17 8.13 24.40 -19.32
C ASP A 17 8.36 22.91 -19.53
N PRO A 18 7.90 22.31 -20.60
CA PRO A 18 8.01 20.83 -20.71
C PRO A 18 9.44 20.32 -20.64
N LYS A 19 10.39 21.01 -21.24
CA LYS A 19 11.78 20.50 -21.19
C LYS A 19 12.23 20.50 -19.74
N GLN A 20 11.94 21.55 -18.98
CA GLN A 20 12.40 21.62 -17.62
C GLN A 20 11.70 20.57 -16.76
N GLU A 21 10.42 20.32 -16.99
CA GLU A 21 9.72 19.28 -16.26
C GLU A 21 10.39 17.92 -16.47
N ILE A 22 10.71 17.62 -17.72
CA ILE A 22 11.39 16.37 -18.03
C ILE A 22 12.71 16.29 -17.28
N GLU A 23 13.51 17.35 -17.32
CA GLU A 23 14.78 17.35 -16.61
C GLU A 23 14.57 17.12 -15.09
N ASP A 24 13.63 17.84 -14.52
CA ASP A 24 13.38 17.71 -13.08
C ASP A 24 13.03 16.28 -12.73
N ARG A 25 12.17 15.66 -13.55
CA ARG A 25 11.62 14.35 -13.18
C ARG A 25 12.62 13.23 -13.45
N VAL A 26 13.37 13.31 -14.56
CA VAL A 26 14.49 12.40 -14.75
C VAL A 26 15.53 12.58 -13.65
N ASN A 27 15.85 13.82 -13.32
CA ASN A 27 16.83 14.06 -12.22
C ASN A 27 16.38 13.48 -10.94
N PHE A 28 15.10 13.56 -10.62
CA PHE A 28 14.58 12.93 -9.41
C PHE A 28 14.83 11.44 -9.42
N LEU A 29 14.46 10.77 -10.52
CA LEU A 29 14.67 9.35 -10.61
C LEU A 29 16.11 8.98 -10.39
N LYS A 30 17.02 9.75 -11.05
CA LYS A 30 18.45 9.49 -10.90
C LYS A 30 18.89 9.70 -9.46
N GLN A 31 18.50 10.80 -8.84
CA GLN A 31 18.93 11.08 -7.49
C GLN A 31 18.43 10.03 -6.53
N TYR A 32 17.21 9.56 -6.72
CA TYR A 32 16.65 8.58 -5.80
C TYR A 32 17.43 7.27 -5.88
N VAL A 33 17.75 6.85 -7.11
CA VAL A 33 18.67 5.68 -7.28
C VAL A 33 20.02 5.95 -6.69
N LYS A 34 20.64 7.10 -6.83
CA LYS A 34 21.98 7.34 -6.29
C LYS A 34 21.94 7.23 -4.79
N LYS A 35 20.97 7.89 -4.20
CA LYS A 35 20.94 7.97 -2.77
C LYS A 35 20.71 6.60 -2.15
N THR A 36 19.91 5.75 -2.78
CA THR A 36 19.52 4.53 -2.11
C THR A 36 20.25 3.27 -2.53
N GLY A 37 21.05 3.40 -3.58
CA GLY A 37 21.87 2.32 -4.08
C GLY A 37 21.04 1.36 -4.88
N ALA A 38 19.91 1.84 -5.39
CA ALA A 38 18.96 1.02 -6.11
C ALA A 38 19.54 0.53 -7.45
N LYS A 39 19.09 -0.59 -7.98
CA LYS A 39 19.56 -1.08 -9.30
C LYS A 39 18.74 -0.64 -10.50
N GLY A 40 17.61 -0.01 -10.26
CA GLY A 40 16.75 0.47 -11.31
C GLY A 40 15.29 0.33 -10.94
N PHE A 41 14.47 0.16 -11.96
CA PHE A 41 13.03 0.35 -11.84
C PHE A 41 12.26 -0.75 -12.53
N VAL A 42 11.03 -0.99 -12.09
CA VAL A 42 10.02 -1.79 -12.78
C VAL A 42 8.74 -0.97 -12.85
N LEU A 43 8.03 -1.12 -13.98
CA LEU A 43 6.75 -0.42 -14.15
C LEU A 43 5.84 -1.18 -15.12
N GLY A 44 4.59 -1.35 -14.72
CA GLY A 44 3.56 -1.87 -15.60
C GLY A 44 3.23 -0.86 -16.70
N ILE A 45 3.28 -1.31 -17.92
CA ILE A 45 3.03 -0.49 -19.13
C ILE A 45 1.66 -0.92 -19.67
N SER A 46 0.66 -0.05 -19.53
CA SER A 46 -0.71 -0.43 -19.85
C SER A 46 -1.15 -0.11 -21.28
N GLY A 47 -0.42 0.73 -21.98
CA GLY A 47 -0.89 1.32 -23.21
C GLY A 47 -1.63 2.62 -23.01
N GLY A 48 -1.74 3.13 -21.80
CA GLY A 48 -2.29 4.40 -21.51
C GLY A 48 -1.23 5.48 -21.41
N GLN A 49 -1.69 6.74 -21.35
CA GLN A 49 -0.83 7.88 -21.35
C GLN A 49 0.22 7.88 -20.22
N ASP A 50 -0.27 7.59 -19.00
CA ASP A 50 0.57 7.88 -17.82
C ASP A 50 1.77 6.95 -17.72
N SER A 51 1.48 5.65 -17.92
CA SER A 51 2.55 4.68 -17.88
C SER A 51 3.49 4.82 -19.08
N THR A 52 2.95 5.32 -20.22
CA THR A 52 3.84 5.63 -21.33
C THR A 52 4.85 6.70 -20.92
N LEU A 53 4.33 7.79 -20.32
CA LEU A 53 5.19 8.90 -19.91
C LEU A 53 6.19 8.47 -18.84
N ALA A 54 5.68 7.86 -17.75
CA ALA A 54 6.57 7.44 -16.69
C ALA A 54 7.61 6.43 -17.19
N GLY A 55 7.23 5.52 -18.08
CA GLY A 55 8.14 4.55 -18.63
C GLY A 55 9.23 5.20 -19.44
N ARG A 56 8.89 6.18 -20.30
CA ARG A 56 9.97 6.85 -21.05
C ARG A 56 10.89 7.61 -20.13
N LEU A 57 10.33 8.31 -19.11
CA LEU A 57 11.20 9.01 -18.17
C LEU A 57 12.15 8.04 -17.46
N ALA A 58 11.62 6.88 -17.08
CA ALA A 58 12.46 5.87 -16.43
C ALA A 58 13.62 5.42 -17.31
N GLN A 59 13.29 5.16 -18.58
CA GLN A 59 14.30 4.70 -19.53
C GLN A 59 15.36 5.79 -19.73
N LEU A 60 14.95 7.04 -19.86
CA LEU A 60 15.89 8.12 -19.96
C LEU A 60 16.78 8.21 -18.73
N ALA A 61 16.20 8.01 -17.56
CA ALA A 61 16.97 8.08 -16.30
C ALA A 61 18.04 7.00 -16.28
N VAL A 62 17.67 5.76 -16.56
CA VAL A 62 18.68 4.67 -16.47
C VAL A 62 19.73 4.86 -17.55
N GLU A 63 19.39 5.34 -18.72
CA GLU A 63 20.38 5.61 -19.77
C GLU A 63 21.35 6.68 -19.29
N SER A 64 20.83 7.72 -18.64
CA SER A 64 21.70 8.78 -18.13
C SER A 64 22.62 8.31 -17.01
N ILE A 65 22.11 7.47 -16.12
CA ILE A 65 23.00 6.86 -15.12
C ILE A 65 24.12 6.08 -15.76
N ARG A 66 23.79 5.29 -16.75
CA ARG A 66 24.84 4.50 -17.40
C ARG A 66 25.84 5.41 -18.13
N GLU A 67 25.36 6.44 -18.76
CA GLU A 67 26.23 7.39 -19.44
C GLU A 67 27.21 8.03 -18.46
N GLU A 68 26.85 8.18 -17.19
CA GLU A 68 27.69 8.68 -16.12
C GLU A 68 28.61 7.60 -15.52
N GLY A 69 28.51 6.41 -16.14
CA GLY A 69 29.44 5.40 -15.62
C GLY A 69 28.82 4.60 -14.52
N GLY A 70 27.52 4.79 -14.31
CA GLY A 70 26.88 3.94 -13.29
C GLY A 70 26.14 2.77 -13.89
N ASP A 71 25.42 2.05 -13.05
CA ASP A 71 24.69 0.83 -13.33
C ASP A 71 23.21 1.04 -13.01
N ALA A 72 22.33 0.78 -13.95
CA ALA A 72 20.88 0.84 -13.71
C ALA A 72 20.18 0.16 -14.82
N GLN A 73 19.01 -0.36 -14.57
CA GLN A 73 18.18 -0.95 -15.59
C GLN A 73 16.69 -0.67 -15.35
N PHE A 74 15.94 -0.74 -16.42
CA PHE A 74 14.47 -0.57 -16.39
C PHE A 74 13.78 -1.78 -16.99
N ILE A 75 12.92 -2.41 -16.22
CA ILE A 75 12.01 -3.44 -16.66
C ILE A 75 10.61 -2.89 -16.83
N ALA A 76 10.16 -2.82 -18.07
CA ALA A 76 8.79 -2.56 -18.42
C ALA A 76 8.02 -3.88 -18.38
N VAL A 77 6.83 -3.91 -17.83
CA VAL A 77 6.07 -5.16 -17.77
C VAL A 77 4.64 -4.97 -18.26
N ARG A 78 4.26 -5.85 -19.18
CA ARG A 78 2.86 -5.95 -19.60
C ARG A 78 2.10 -6.76 -18.56
N LEU A 79 0.92 -6.29 -18.14
CA LEU A 79 0.13 -6.95 -17.08
C LEU A 79 -1.30 -7.15 -17.55
N PRO A 80 -1.51 -7.84 -18.66
CA PRO A 80 -2.91 -8.07 -19.11
C PRO A 80 -3.63 -8.98 -18.12
N HIS A 81 -4.93 -8.83 -18.06
CA HIS A 81 -5.83 -9.82 -17.44
C HIS A 81 -6.46 -10.61 -18.58
N GLY A 82 -5.85 -11.73 -18.97
CA GLY A 82 -6.30 -12.42 -20.16
C GLY A 82 -5.99 -11.58 -21.39
N THR A 83 -6.93 -11.56 -22.32
CA THR A 83 -6.74 -10.74 -23.50
C THR A 83 -7.05 -9.30 -23.20
N GLN A 84 -6.09 -8.40 -23.40
CA GLN A 84 -6.34 -6.98 -23.23
C GLN A 84 -6.73 -6.38 -24.57
N GLN A 85 -7.89 -5.71 -24.57
CA GLN A 85 -8.42 -5.30 -25.86
C GLN A 85 -7.55 -4.25 -26.57
N ASP A 86 -6.81 -3.44 -25.87
CA ASP A 86 -5.87 -2.48 -26.45
C ASP A 86 -4.41 -2.91 -26.32
N GLU A 87 -4.16 -4.21 -26.39
CA GLU A 87 -2.79 -4.72 -26.46
C GLU A 87 -1.98 -3.98 -27.52
N ASP A 88 -2.57 -3.68 -28.66
CA ASP A 88 -1.83 -2.99 -29.71
C ASP A 88 -1.23 -1.69 -29.21
N ASP A 89 -2.00 -0.92 -28.46
CA ASP A 89 -1.49 0.32 -27.90
C ASP A 89 -0.39 0.09 -26.87
N ALA A 90 -0.50 -0.97 -26.07
CA ALA A 90 0.55 -1.30 -25.11
C ALA A 90 1.86 -1.65 -25.84
N GLN A 91 1.74 -2.37 -26.97
CA GLN A 91 2.94 -2.69 -27.76
C GLN A 91 3.55 -1.44 -28.38
N LEU A 92 2.70 -0.52 -28.81
CA LEU A 92 3.17 0.73 -29.34
C LEU A 92 3.90 1.53 -28.25
N ALA A 93 3.33 1.51 -27.02
CA ALA A 93 3.99 2.18 -25.90
C ALA A 93 5.39 1.60 -25.68
N LEU A 94 5.48 0.25 -25.70
CA LEU A 94 6.79 -0.36 -25.55
C LEU A 94 7.76 0.05 -26.65
N LYS A 95 7.27 0.15 -27.88
CA LYS A 95 8.09 0.55 -29.01
C LYS A 95 8.63 1.96 -28.82
N PHE A 96 7.82 2.85 -28.26
CA PHE A 96 8.29 4.20 -27.99
C PHE A 96 9.22 4.28 -26.79
N ILE A 97 8.85 3.59 -25.71
CA ILE A 97 9.70 3.65 -24.50
C ILE A 97 11.08 3.08 -24.75
N LYS A 98 11.13 1.99 -25.52
CA LYS A 98 12.37 1.28 -25.78
C LYS A 98 13.06 0.92 -24.49
N PRO A 99 12.37 0.15 -23.61
CA PRO A 99 12.91 -0.17 -22.29
C PRO A 99 14.06 -1.12 -22.41
N ASP A 100 14.92 -1.21 -21.41
CA ASP A 100 16.01 -2.11 -21.35
C ASP A 100 15.49 -3.53 -21.45
N LYS A 101 14.41 -3.80 -20.72
CA LYS A 101 13.82 -5.14 -20.67
C LYS A 101 12.32 -4.98 -20.74
N SER A 102 11.64 -5.88 -21.40
CA SER A 102 10.20 -5.90 -21.58
C SER A 102 9.70 -7.29 -21.23
N TRP A 103 9.05 -7.39 -20.09
CA TRP A 103 8.55 -8.59 -19.49
C TRP A 103 7.03 -8.62 -19.59
N LYS A 104 6.42 -9.73 -19.18
CA LYS A 104 4.97 -9.92 -19.24
C LYS A 104 4.55 -10.81 -18.07
N PHE A 105 3.42 -10.47 -17.48
CA PHE A 105 2.81 -11.33 -16.47
C PHE A 105 1.31 -11.17 -16.61
N ASP A 106 0.65 -12.26 -17.06
CA ASP A 106 -0.82 -12.28 -17.18
C ASP A 106 -1.42 -12.58 -15.82
N ILE A 107 -2.17 -11.64 -15.27
CA ILE A 107 -2.70 -11.75 -13.92
C ILE A 107 -3.94 -12.59 -13.81
N LYS A 108 -4.50 -13.09 -14.94
CA LYS A 108 -5.83 -13.73 -14.84
C LYS A 108 -5.86 -14.96 -13.99
N SER A 109 -4.86 -15.87 -14.08
CA SER A 109 -4.98 -17.05 -13.26
C SER A 109 -4.92 -16.76 -11.80
N THR A 110 -4.18 -15.74 -11.39
CA THR A 110 -4.13 -15.38 -9.99
C THR A 110 -5.44 -14.76 -9.52
N VAL A 111 -5.99 -13.86 -10.31
CA VAL A 111 -7.26 -13.24 -9.98
C VAL A 111 -8.37 -14.29 -9.96
N SER A 112 -8.38 -15.21 -10.91
CA SER A 112 -9.39 -16.26 -10.91
C SER A 112 -9.26 -17.15 -9.69
N ALA A 113 -8.04 -17.54 -9.31
CA ALA A 113 -7.84 -18.37 -8.12
C ALA A 113 -8.41 -17.63 -6.91
N PHE A 114 -8.11 -16.34 -6.78
CA PHE A 114 -8.59 -15.58 -5.66
C PHE A 114 -10.10 -15.56 -5.66
N SER A 115 -10.70 -15.21 -6.79
CA SER A 115 -12.15 -15.02 -6.90
C SER A 115 -12.88 -16.32 -6.63
N ASP A 116 -12.33 -17.42 -7.14
CA ASP A 116 -12.93 -18.72 -6.92
C ASP A 116 -12.83 -19.08 -5.42
N GLN A 117 -11.68 -18.81 -4.80
CA GLN A 117 -11.55 -19.06 -3.37
C GLN A 117 -12.51 -18.22 -2.59
N TYR A 118 -12.71 -16.97 -2.99
CA TYR A 118 -13.61 -16.10 -2.26
C TYR A 118 -15.02 -16.70 -2.21
N GLN A 119 -15.51 -17.15 -3.36
CA GLN A 119 -16.83 -17.78 -3.42
C GLN A 119 -16.85 -19.09 -2.65
N GLN A 120 -15.79 -19.90 -2.72
CA GLN A 120 -15.74 -21.15 -1.98
C GLN A 120 -15.82 -20.88 -0.49
N GLU A 121 -15.17 -19.84 0.00
CA GLU A 121 -15.09 -19.57 1.43
C GLU A 121 -16.38 -18.95 1.94
N THR A 122 -16.98 -18.03 1.20
CA THR A 122 -18.03 -17.17 1.68
C THR A 122 -19.40 -17.52 1.10
N GLY A 123 -19.45 -18.22 -0.05
CA GLY A 123 -20.71 -18.41 -0.72
C GLY A 123 -21.08 -17.29 -1.64
N ASP A 124 -20.50 -16.20 -1.73
CA ASP A 124 -20.62 -14.93 -2.39
C ASP A 124 -19.62 -14.80 -3.53
N GLN A 125 -20.19 -14.41 -4.67
CA GLN A 125 -19.31 -13.97 -5.75
C GLN A 125 -18.93 -12.51 -5.53
N LEU A 126 -17.65 -12.18 -5.75
CA LEU A 126 -17.23 -10.80 -5.69
C LEU A 126 -18.01 -10.03 -6.73
N THR A 127 -18.35 -8.80 -6.45
CA THR A 127 -18.94 -7.87 -7.34
C THR A 127 -17.85 -7.59 -8.37
N ASP A 128 -18.30 -7.21 -9.57
CA ASP A 128 -17.36 -6.85 -10.61
C ASP A 128 -16.41 -5.75 -10.12
N PHE A 129 -16.94 -4.78 -9.43
CA PHE A 129 -16.18 -3.66 -8.91
C PHE A 129 -15.10 -4.15 -7.94
N ASN A 130 -15.47 -5.02 -6.99
CA ASN A 130 -14.49 -5.49 -6.02
C ASN A 130 -13.49 -6.40 -6.68
N LYS A 131 -13.89 -7.19 -7.66
CA LYS A 131 -12.95 -8.00 -8.45
C LYS A 131 -11.96 -7.10 -9.21
N GLY A 132 -12.45 -5.96 -9.69
CA GLY A 132 -11.58 -5.03 -10.37
C GLY A 132 -10.44 -4.55 -9.48
N ASN A 133 -10.77 -4.29 -8.21
CA ASN A 133 -9.74 -3.86 -7.26
C ASN A 133 -8.79 -5.01 -6.93
N VAL A 134 -9.27 -6.25 -6.94
CA VAL A 134 -8.35 -7.38 -6.83
C VAL A 134 -7.37 -7.40 -7.99
N LYS A 135 -7.84 -7.11 -9.20
CA LYS A 135 -6.94 -7.01 -10.34
C LYS A 135 -5.87 -5.98 -10.14
N ALA A 136 -6.27 -4.78 -9.71
CA ALA A 136 -5.29 -3.69 -9.52
C ALA A 136 -4.26 -4.07 -8.47
N ARG A 137 -4.72 -4.69 -7.38
CA ARG A 137 -3.79 -5.13 -6.33
C ARG A 137 -2.92 -6.30 -6.77
N THR A 138 -3.41 -7.16 -7.64
CA THR A 138 -2.59 -8.25 -8.18
C THR A 138 -1.49 -7.69 -9.06
N ARG A 139 -1.81 -6.62 -9.82
CA ARG A 139 -0.75 -5.96 -10.58
C ARG A 139 0.32 -5.41 -9.69
N MET A 140 -0.04 -4.83 -8.52
CA MET A 140 0.94 -4.39 -7.54
C MET A 140 1.80 -5.56 -7.12
N ILE A 141 1.17 -6.70 -6.76
CA ILE A 141 1.93 -7.84 -6.34
C ILE A 141 2.92 -8.27 -7.41
N ALA A 142 2.47 -8.30 -8.68
CA ALA A 142 3.35 -8.71 -9.77
C ALA A 142 4.56 -7.81 -9.91
N GLN A 143 4.35 -6.50 -9.87
CA GLN A 143 5.46 -5.57 -9.98
C GLN A 143 6.42 -5.68 -8.79
N TYR A 144 5.87 -5.80 -7.58
CA TYR A 144 6.73 -5.97 -6.41
C TYR A 144 7.47 -7.29 -6.42
N ALA A 145 6.92 -8.34 -7.02
CA ALA A 145 7.63 -9.61 -7.11
C ALA A 145 8.80 -9.50 -8.09
N ILE A 146 8.54 -8.87 -9.26
CA ILE A 146 9.65 -8.64 -10.19
C ILE A 146 10.69 -7.74 -9.54
N GLY A 147 10.28 -6.65 -8.90
CA GLY A 147 11.25 -5.79 -8.24
C GLY A 147 12.01 -6.51 -7.16
N GLY A 148 11.33 -7.36 -6.39
CA GLY A 148 11.99 -8.07 -5.31
C GLY A 148 12.99 -9.09 -5.86
N GLN A 149 12.63 -9.82 -6.87
CA GLN A 149 13.49 -10.81 -7.49
C GLN A 149 14.70 -10.16 -8.13
N GLU A 150 14.52 -8.99 -8.76
CA GLU A 150 15.51 -8.39 -9.62
C GLU A 150 16.28 -7.30 -8.94
N GLY A 151 15.87 -6.84 -7.73
CA GLY A 151 16.54 -5.78 -7.05
C GLY A 151 16.18 -4.38 -7.44
N LEU A 152 14.96 -4.14 -7.86
CA LEU A 152 14.52 -2.89 -8.45
C LEU A 152 13.44 -2.21 -7.61
N LEU A 153 13.24 -0.93 -7.84
CA LEU A 153 12.17 -0.14 -7.25
C LEU A 153 10.96 -0.11 -8.17
N VAL A 154 9.77 -0.08 -7.57
CA VAL A 154 8.52 0.00 -8.31
C VAL A 154 8.13 1.44 -8.55
N LEU A 155 8.01 1.84 -9.81
CA LEU A 155 7.50 3.16 -10.15
C LEU A 155 5.97 3.15 -10.03
N GLY A 156 5.41 4.29 -9.65
CA GLY A 156 3.99 4.53 -9.74
C GLY A 156 3.69 5.67 -10.69
N THR A 157 2.48 5.69 -11.22
CA THR A 157 2.10 6.66 -12.22
C THR A 157 1.11 7.71 -11.71
N ASP A 158 0.91 7.79 -10.41
CA ASP A 158 0.03 8.82 -9.92
C ASP A 158 0.53 10.21 -10.31
N HIS A 159 -0.45 11.06 -10.62
CA HIS A 159 -0.26 12.45 -11.01
C HIS A 159 -1.44 13.23 -10.45
N ALA A 160 -1.42 14.56 -10.63
CA ALA A 160 -2.40 15.38 -9.93
C ALA A 160 -3.84 15.16 -10.38
N ALA A 161 -4.04 14.84 -11.63
CA ALA A 161 -5.37 14.63 -12.18
C ALA A 161 -6.02 13.33 -11.74
N GLU A 162 -5.26 12.34 -11.27
CA GLU A 162 -5.77 11.20 -10.54
C GLU A 162 -5.78 11.45 -9.01
N ALA A 163 -4.81 12.15 -8.51
CA ALA A 163 -4.72 12.36 -7.07
C ALA A 163 -5.93 13.17 -6.57
N VAL A 164 -6.37 14.14 -7.34
CA VAL A 164 -7.42 15.02 -6.84
C VAL A 164 -8.73 14.27 -6.63
N THR A 165 -8.99 13.26 -7.46
CA THR A 165 -10.21 12.49 -7.37
C THR A 165 -10.01 11.18 -6.61
N GLY A 166 -8.78 10.88 -6.22
CA GLY A 166 -8.56 9.59 -5.63
C GLY A 166 -8.78 8.45 -6.56
N PHE A 167 -8.53 8.66 -7.86
CA PHE A 167 -8.88 7.68 -8.87
C PHE A 167 -7.72 6.70 -9.11
N PHE A 168 -7.55 5.83 -8.14
CA PHE A 168 -6.56 4.77 -8.10
C PHE A 168 -7.02 3.83 -7.00
N THR A 169 -6.53 2.59 -7.06
CA THR A 169 -6.85 1.62 -6.02
C THR A 169 -5.83 1.74 -4.91
N LYS A 170 -6.32 1.87 -3.70
CA LYS A 170 -5.51 1.94 -2.52
C LYS A 170 -4.69 0.65 -2.38
N TYR A 171 -3.38 0.77 -2.34
CA TYR A 171 -2.47 -0.39 -2.30
C TYR A 171 -2.56 -1.28 -3.53
N GLY A 172 -3.16 -0.74 -4.59
CA GLY A 172 -3.05 -1.35 -5.92
C GLY A 172 -2.09 -0.55 -6.75
N ASP A 173 -2.58 0.15 -7.77
CA ASP A 173 -1.70 1.09 -8.51
C ASP A 173 -1.27 2.23 -7.59
N GLY A 174 -1.96 2.53 -6.49
CA GLY A 174 -1.44 3.48 -5.53
C GLY A 174 -0.21 3.00 -4.80
N GLY A 175 0.00 1.67 -4.74
CA GLY A 175 1.17 1.09 -4.08
C GLY A 175 2.39 1.08 -4.98
N ALA A 176 3.31 1.99 -4.71
CA ALA A 176 4.52 2.17 -5.48
C ALA A 176 5.64 2.68 -4.56
N ASP A 177 6.84 2.70 -5.09
CA ASP A 177 8.01 3.18 -4.35
C ASP A 177 8.31 4.66 -4.64
N LEU A 178 8.17 5.09 -5.89
CA LEU A 178 8.48 6.50 -6.22
C LEU A 178 7.65 6.90 -7.43
N LEU A 179 7.43 8.20 -7.53
CA LEU A 179 6.40 8.79 -8.39
C LEU A 179 7.00 9.90 -9.27
N PRO A 180 7.35 9.62 -10.52
CA PRO A 180 7.90 10.70 -11.36
C PRO A 180 6.88 11.70 -11.85
N LEU A 181 5.58 11.43 -11.76
CA LEU A 181 4.57 12.28 -12.40
C LEU A 181 3.85 13.18 -11.43
N THR A 182 4.19 13.19 -10.15
CA THR A 182 3.49 13.99 -9.16
C THR A 182 3.41 15.45 -9.62
N GLY A 183 2.22 16.04 -9.48
CA GLY A 183 2.05 17.45 -9.81
C GLY A 183 1.58 17.71 -11.20
N LEU A 184 1.71 16.75 -12.12
CA LEU A 184 1.25 17.01 -13.49
C LEU A 184 -0.24 16.86 -13.63
N THR A 185 -0.86 17.76 -14.40
CA THR A 185 -2.25 17.59 -14.84
C THR A 185 -2.27 16.70 -16.07
N LYS A 186 -3.45 16.28 -16.49
CA LYS A 186 -3.52 15.31 -17.59
C LYS A 186 -3.01 15.96 -18.87
N ARG A 187 -3.44 17.18 -19.15
CA ARG A 187 -2.99 17.93 -20.33
C ARG A 187 -1.51 18.16 -20.27
N GLN A 188 -0.91 18.40 -19.13
CA GLN A 188 0.49 18.63 -18.98
C GLN A 188 1.24 17.34 -19.30
N GLY A 189 0.70 16.19 -18.87
CA GLY A 189 1.35 14.94 -19.27
C GLY A 189 1.37 14.75 -20.78
N ARG A 190 0.29 15.15 -21.46
CA ARG A 190 0.27 15.09 -22.91
C ARG A 190 1.38 15.99 -23.48
N THR A 191 1.55 17.19 -22.89
CA THR A 191 2.61 18.09 -23.39
C THR A 191 3.98 17.49 -23.24
N LEU A 192 4.24 16.82 -22.13
CA LEU A 192 5.54 16.16 -21.94
C LEU A 192 5.72 15.04 -22.95
N LEU A 193 4.68 14.24 -23.17
CA LEU A 193 4.77 13.18 -24.18
C LEU A 193 5.09 13.75 -25.56
N LYS A 194 4.47 14.87 -25.91
CA LYS A 194 4.78 15.51 -27.18
C LYS A 194 6.23 15.92 -27.27
N GLU A 195 6.73 16.52 -26.19
CA GLU A 195 8.15 16.92 -26.18
C GLU A 195 9.06 15.71 -26.37
N LEU A 196 8.67 14.58 -25.83
CA LEU A 196 9.41 13.33 -25.93
C LEU A 196 9.21 12.59 -27.24
N GLY A 197 8.30 13.07 -28.10
CA GLY A 197 8.11 12.39 -29.39
C GLY A 197 7.17 11.23 -29.37
N ALA A 198 6.27 11.15 -28.41
CA ALA A 198 5.45 9.96 -28.32
C ALA A 198 4.43 9.88 -29.44
N PRO A 199 4.04 8.67 -29.82
CA PRO A 199 2.92 8.53 -30.77
C PRO A 199 1.61 9.02 -30.17
N GLU A 200 0.94 9.86 -30.97
CA GLU A 200 -0.23 10.56 -30.48
C GLU A 200 -1.35 9.63 -30.04
N ARG A 201 -1.45 8.44 -30.63
CA ARG A 201 -2.52 7.55 -30.20
C ARG A 201 -2.55 7.32 -28.68
N LEU A 202 -1.37 7.36 -28.09
CA LEU A 202 -1.29 7.05 -26.65
C LEU A 202 -1.80 8.13 -25.76
N TYR A 203 -1.91 9.36 -26.26
CA TYR A 203 -2.51 10.41 -25.43
C TYR A 203 -3.81 10.94 -26.02
N LEU A 204 -4.23 10.51 -27.19
CA LEU A 204 -5.55 10.89 -27.71
C LEU A 204 -6.65 9.98 -27.27
N LYS A 205 -6.33 8.74 -26.94
CA LYS A 205 -7.31 7.74 -26.49
C LYS A 205 -7.93 8.16 -25.20
N GLU A 206 -9.08 7.59 -24.85
CA GLU A 206 -9.67 7.87 -23.56
C GLU A 206 -8.91 7.18 -22.45
N PRO A 207 -8.59 7.91 -21.38
CA PRO A 207 -8.08 7.27 -20.14
C PRO A 207 -9.06 6.23 -19.69
N THR A 208 -8.53 5.07 -19.26
CA THR A 208 -9.34 3.99 -18.74
C THR A 208 -8.51 3.20 -17.73
N ALA A 209 -9.19 2.75 -16.66
CA ALA A 209 -8.61 1.80 -15.71
C ALA A 209 -8.75 0.36 -16.20
N ASP A 210 -9.76 0.10 -17.07
CA ASP A 210 -10.07 -1.18 -17.63
C ASP A 210 -9.99 -2.33 -16.61
N LEU A 211 -10.74 -2.19 -15.51
CA LEU A 211 -10.77 -3.19 -14.46
C LEU A 211 -12.01 -4.09 -14.47
N LEU A 212 -13.06 -3.72 -15.18
CA LEU A 212 -14.34 -4.43 -15.03
C LEU A 212 -14.53 -5.48 -16.10
N ASP A 213 -14.98 -6.66 -15.68
CA ASP A 213 -15.35 -7.70 -16.64
C ASP A 213 -16.59 -7.29 -17.44
N GLU A 214 -17.55 -6.65 -16.81
CA GLU A 214 -18.84 -6.38 -17.48
C GLU A 214 -18.87 -5.08 -18.25
N LYS A 215 -17.95 -4.18 -17.96
CA LYS A 215 -17.85 -2.90 -18.61
C LYS A 215 -16.39 -2.63 -18.94
N PRO A 216 -15.82 -3.45 -19.79
CA PRO A 216 -14.39 -3.31 -20.09
C PRO A 216 -14.10 -1.99 -20.76
N GLN A 217 -12.91 -1.46 -20.53
CA GLN A 217 -12.43 -0.22 -21.17
C GLN A 217 -13.37 0.91 -20.84
N GLN A 218 -14.05 0.91 -19.70
CA GLN A 218 -14.89 2.05 -19.36
C GLN A 218 -14.01 3.28 -19.18
N SER A 219 -14.42 4.40 -19.76
CA SER A 219 -13.59 5.59 -19.61
C SER A 219 -13.66 6.11 -18.19
N ASP A 220 -12.57 6.72 -17.76
CA ASP A 220 -12.58 7.35 -16.46
C ASP A 220 -13.71 8.38 -16.32
N GLU A 221 -13.89 9.15 -17.38
CA GLU A 221 -14.90 10.19 -17.34
C GLU A 221 -16.30 9.64 -17.16
N THR A 222 -16.60 8.48 -17.78
CA THR A 222 -17.86 7.79 -17.53
C THR A 222 -18.03 7.49 -16.06
N GLU A 223 -17.00 6.94 -15.43
CA GLU A 223 -17.12 6.57 -14.02
C GLU A 223 -17.24 7.80 -13.12
N LEU A 224 -16.41 8.82 -13.37
CA LEU A 224 -16.30 9.97 -12.52
C LEU A 224 -17.42 11.00 -12.66
N GLY A 225 -17.95 11.12 -13.89
CA GLY A 225 -18.87 12.20 -14.16
C GLY A 225 -18.22 13.55 -14.24
N ILE A 226 -16.93 13.63 -14.52
CA ILE A 226 -16.14 14.83 -14.65
C ILE A 226 -15.11 14.57 -15.73
N SER A 227 -14.87 15.52 -16.61
CA SER A 227 -13.88 15.33 -17.66
C SER A 227 -12.48 15.77 -17.22
N TYR A 228 -11.48 15.27 -17.93
CA TYR A 228 -10.11 15.71 -17.64
C TYR A 228 -9.91 17.17 -18.00
N ASP A 229 -10.64 17.74 -18.99
CA ASP A 229 -10.46 19.17 -19.21
C ASP A 229 -10.98 19.97 -18.00
N GLU A 230 -12.06 19.52 -17.37
CA GLU A 230 -12.57 20.18 -16.16
C GLU A 230 -11.57 20.02 -15.01
N ILE A 231 -11.08 18.80 -14.78
CA ILE A 231 -10.08 18.54 -13.76
C ILE A 231 -8.84 19.43 -13.95
N ASP A 232 -8.33 19.45 -15.16
CA ASP A 232 -7.12 20.17 -15.47
C ASP A 232 -7.32 21.66 -15.31
N ASP A 233 -8.48 22.17 -15.78
CA ASP A 233 -8.73 23.59 -15.62
C ASP A 233 -8.76 23.97 -14.14
N TYR A 234 -9.39 23.13 -13.34
CA TYR A 234 -9.41 23.36 -11.89
C TYR A 234 -8.00 23.40 -11.33
N LEU A 235 -7.25 22.33 -11.61
CA LEU A 235 -5.93 22.18 -11.03
C LEU A 235 -4.93 23.24 -11.52
N GLU A 236 -5.13 23.76 -12.73
CA GLU A 236 -4.22 24.79 -13.29
C GLU A 236 -4.62 26.18 -12.86
N GLY A 237 -5.62 26.31 -12.00
CA GLY A 237 -5.97 27.60 -11.43
C GLY A 237 -6.83 28.44 -12.36
N LYS A 238 -7.44 27.90 -13.39
CA LYS A 238 -8.40 28.64 -14.21
C LYS A 238 -9.67 28.89 -13.41
N GLU A 239 -10.45 29.90 -13.84
CA GLU A 239 -11.74 30.18 -13.18
C GLU A 239 -12.79 29.27 -13.73
N VAL A 240 -13.10 28.18 -13.06
CA VAL A 240 -13.94 27.13 -13.57
C VAL A 240 -15.36 27.32 -13.01
N SER A 241 -16.27 26.63 -13.66
CA SER A 241 -17.66 26.62 -13.21
C SER A 241 -17.73 26.07 -11.80
N ALA A 242 -18.71 26.56 -11.02
CA ALA A 242 -18.88 26.17 -9.64
C ALA A 242 -19.19 24.70 -9.51
N LYS A 243 -19.86 24.08 -10.48
CA LYS A 243 -20.18 22.68 -10.40
C LYS A 243 -18.90 21.84 -10.33
N VAL A 244 -17.88 22.24 -11.06
CA VAL A 244 -16.59 21.52 -11.10
C VAL A 244 -15.93 21.64 -9.74
N SER A 245 -15.83 22.83 -9.17
CA SER A 245 -15.21 22.99 -7.86
C SER A 245 -15.97 22.22 -6.81
N GLU A 246 -17.29 22.19 -6.85
CA GLU A 246 -18.09 21.45 -5.86
C GLU A 246 -17.73 19.99 -5.96
N ALA A 247 -17.75 19.43 -7.16
CA ALA A 247 -17.53 18.00 -7.37
C ALA A 247 -16.11 17.60 -6.93
N LEU A 248 -15.14 18.35 -7.34
CA LEU A 248 -13.76 18.00 -7.04
C LEU A 248 -13.41 18.21 -5.59
N GLU A 249 -13.92 19.25 -4.95
CA GLU A 249 -13.59 19.47 -3.54
C GLU A 249 -14.20 18.37 -2.70
N LYS A 250 -15.41 17.89 -3.04
CA LYS A 250 -16.00 16.78 -2.30
C LYS A 250 -15.18 15.53 -2.51
N ARG A 251 -14.81 15.19 -3.73
CA ARG A 251 -14.00 14.00 -3.96
C ARG A 251 -12.66 14.08 -3.28
N TYR A 252 -12.03 15.23 -3.33
CA TYR A 252 -10.70 15.37 -2.68
C TYR A 252 -10.83 15.14 -1.19
N SER A 253 -11.82 15.75 -0.55
CA SER A 253 -11.98 15.54 0.89
C SER A 253 -12.24 14.10 1.23
N MET A 254 -13.12 13.44 0.48
CA MET A 254 -13.49 12.05 0.76
C MET A 254 -12.38 11.06 0.56
N THR A 255 -11.41 11.40 -0.26
CA THR A 255 -10.30 10.47 -0.59
C THR A 255 -8.99 10.86 0.06
N GLU A 256 -8.98 11.75 1.05
CA GLU A 256 -7.73 12.13 1.72
C GLU A 256 -6.99 10.90 2.28
N HIS A 257 -7.75 9.92 2.78
CA HIS A 257 -7.14 8.73 3.33
C HIS A 257 -6.24 8.04 2.32
N LYS A 258 -6.50 8.19 1.02
CA LYS A 258 -5.68 7.52 0.02
C LYS A 258 -4.35 8.24 -0.19
N ARG A 259 -4.23 9.48 0.28
CA ARG A 259 -3.05 10.28 0.08
C ARG A 259 -2.29 10.49 1.39
N GLN A 260 -2.60 9.69 2.42
CA GLN A 260 -1.93 9.73 3.70
C GLN A 260 -1.54 8.30 4.05
N VAL A 261 -0.53 8.13 4.92
CA VAL A 261 -0.30 6.80 5.50
C VAL A 261 -1.45 6.42 6.38
N PRO A 262 -1.61 5.15 6.73
CA PRO A 262 -2.80 4.74 7.52
C PRO A 262 -2.95 5.60 8.77
N ALA A 263 -4.21 5.92 9.07
CA ALA A 263 -4.50 6.83 10.16
C ALA A 263 -4.24 6.23 11.52
N SER A 264 -3.69 7.04 12.41
CA SER A 264 -3.63 6.76 13.81
C SER A 264 -4.21 7.88 14.66
N MET A 265 -4.32 7.62 15.95
CA MET A 265 -4.90 8.59 16.87
C MET A 265 -4.04 9.81 17.04
N PHE A 266 -2.82 9.78 16.64
CA PHE A 266 -1.84 10.87 16.66
C PHE A 266 -1.93 11.77 15.46
N ASP A 267 -2.67 11.38 14.43
CA ASP A 267 -2.85 12.21 13.24
C ASP A 267 -4.04 13.14 13.47
N ASP A 268 -3.98 14.35 12.93
CA ASP A 268 -5.10 15.27 13.04
C ASP A 268 -5.84 15.39 11.74
N TRP A 269 -5.30 15.00 10.60
CA TRP A 269 -5.90 15.38 9.32
C TRP A 269 -7.33 14.86 9.17
N TRP A 270 -7.65 13.75 9.82
CA TRP A 270 -8.92 13.04 9.60
C TRP A 270 -10.05 13.54 10.48
N LYS A 271 -9.75 14.39 11.45
CA LYS A 271 -10.75 14.76 12.44
C LYS A 271 -11.82 15.72 11.95
N SER B 1 18.91 13.88 20.53
CA SER B 1 19.62 12.76 19.88
C SER B 1 18.70 12.12 18.84
N MET B 2 19.25 11.24 18.02
CA MET B 2 18.43 10.51 17.09
C MET B 2 17.42 9.65 17.81
N GLN B 3 17.74 9.13 18.99
CA GLN B 3 16.80 8.34 19.76
C GLN B 3 15.59 9.15 20.13
N GLU B 4 15.71 10.37 20.61
CA GLU B 4 14.65 11.26 20.93
C GLU B 4 13.81 11.52 19.68
N LYS B 5 14.46 11.72 18.54
CA LYS B 5 13.73 12.03 17.31
C LYS B 5 12.87 10.83 16.89
N ILE B 6 13.48 9.64 16.95
CA ILE B 6 12.71 8.45 16.56
C ILE B 6 11.56 8.22 17.54
N MET B 7 11.81 8.41 18.84
CA MET B 7 10.76 8.16 19.82
C MET B 7 9.58 9.08 19.59
N ARG B 8 9.93 10.33 19.27
CA ARG B 8 8.89 11.28 19.01
C ARG B 8 8.14 11.00 17.71
N GLU B 9 8.86 10.70 16.65
CA GLU B 9 8.26 10.42 15.37
C GLU B 9 7.32 9.22 15.41
N LEU B 10 7.69 8.23 16.20
CA LEU B 10 6.90 7.00 16.33
C LEU B 10 5.88 7.05 17.45
N HIS B 11 5.75 8.20 18.13
CA HIS B 11 4.74 8.41 19.14
C HIS B 11 4.87 7.49 20.34
N VAL B 12 6.08 7.19 20.73
CA VAL B 12 6.29 6.32 21.87
C VAL B 12 6.35 7.10 23.17
N LYS B 13 5.69 6.61 24.21
CA LYS B 13 5.77 7.12 25.57
C LYS B 13 6.72 6.29 26.41
N PRO B 14 7.53 6.88 27.31
CA PRO B 14 8.42 6.08 28.14
C PRO B 14 7.67 5.24 29.17
N SER B 15 6.49 5.72 29.56
CA SER B 15 5.66 5.11 30.57
C SER B 15 4.20 5.22 30.11
N ILE B 16 3.43 4.17 30.36
CA ILE B 16 2.02 4.15 29.98
C ILE B 16 1.15 3.78 31.15
N ASP B 17 -0.11 4.10 31.03
CA ASP B 17 -1.20 3.62 31.87
C ASP B 17 -1.95 2.64 30.98
N PRO B 18 -1.80 1.35 31.22
CA PRO B 18 -2.43 0.38 30.31
C PRO B 18 -3.90 0.52 30.14
N LYS B 19 -4.66 0.76 31.23
CA LYS B 19 -6.08 0.89 31.11
C LYS B 19 -6.44 2.11 30.24
N GLN B 20 -5.73 3.21 30.39
CA GLN B 20 -6.09 4.38 29.60
C GLN B 20 -5.62 4.25 28.17
N GLU B 21 -4.54 3.52 27.93
CA GLU B 21 -4.19 3.19 26.52
C GLU B 21 -5.34 2.45 25.85
N ILE B 22 -5.90 1.47 26.56
CA ILE B 22 -7.05 0.73 26.01
C ILE B 22 -8.19 1.66 25.73
N GLU B 23 -8.55 2.53 26.69
CA GLU B 23 -9.64 3.45 26.48
C GLU B 23 -9.38 4.34 25.25
N ASP B 24 -8.20 4.90 25.21
CA ASP B 24 -7.87 5.85 24.12
C ASP B 24 -7.91 5.15 22.76
N ARG B 25 -7.43 3.94 22.68
CA ARG B 25 -7.31 3.26 21.39
C ARG B 25 -8.68 2.74 20.95
N VAL B 26 -9.52 2.26 21.90
CA VAL B 26 -10.90 1.96 21.56
C VAL B 26 -11.59 3.20 21.08
N ASN B 27 -11.41 4.32 21.80
CA ASN B 27 -12.04 5.53 21.36
C ASN B 27 -11.59 6.06 20.03
N PHE B 28 -10.34 5.89 19.69
CA PHE B 28 -9.85 6.21 18.36
C PHE B 28 -10.63 5.45 17.31
N LEU B 29 -10.75 4.12 17.52
CA LEU B 29 -11.45 3.29 16.55
C LEU B 29 -12.88 3.78 16.40
N LYS B 30 -13.54 4.07 17.50
CA LYS B 30 -14.91 4.58 17.45
C LYS B 30 -14.99 5.89 16.68
N GLN B 31 -14.15 6.82 17.05
CA GLN B 31 -14.19 8.13 16.46
C GLN B 31 -13.93 8.07 14.95
N TYR B 32 -12.97 7.26 14.55
CA TYR B 32 -12.57 7.18 13.15
C TYR B 32 -13.68 6.55 12.36
N VAL B 33 -14.20 5.42 12.79
CA VAL B 33 -15.13 4.72 11.94
C VAL B 33 -16.39 5.53 11.79
N LYS B 34 -16.80 6.26 12.84
CA LYS B 34 -18.01 7.03 12.79
C LYS B 34 -17.81 8.16 11.80
N LYS B 35 -16.63 8.77 11.79
CA LYS B 35 -16.31 9.83 10.83
C LYS B 35 -16.50 9.34 9.40
N THR B 36 -16.21 8.08 9.09
CA THR B 36 -16.20 7.53 7.76
C THR B 36 -17.59 7.03 7.37
N GLY B 37 -18.45 6.74 8.32
CA GLY B 37 -19.73 6.08 8.13
C GLY B 37 -19.73 4.61 7.74
N ALA B 38 -18.68 3.83 7.96
CA ALA B 38 -18.33 2.50 7.53
C ALA B 38 -19.08 1.69 8.57
N LYS B 39 -19.30 0.44 8.22
CA LYS B 39 -20.10 -0.43 9.08
C LYS B 39 -19.26 -1.07 10.17
N GLY B 40 -17.95 -0.88 10.21
CA GLY B 40 -17.13 -1.63 11.17
C GLY B 40 -15.79 -1.93 10.58
N PHE B 41 -15.20 -3.03 11.05
CA PHE B 41 -13.80 -3.36 10.80
C PHE B 41 -13.66 -4.82 10.36
N VAL B 42 -12.58 -5.08 9.63
CA VAL B 42 -12.06 -6.42 9.35
C VAL B 42 -10.59 -6.47 9.75
N LEU B 43 -10.16 -7.61 10.28
CA LEU B 43 -8.75 -7.82 10.62
C LEU B 43 -8.36 -9.29 10.54
N GLY B 44 -7.23 -9.58 9.94
CA GLY B 44 -6.61 -10.90 9.96
C GLY B 44 -6.10 -11.23 11.35
N ILE B 45 -6.52 -12.37 11.87
CA ILE B 45 -6.17 -12.86 13.20
C ILE B 45 -5.21 -13.99 13.00
N SER B 46 -3.93 -13.78 13.35
CA SER B 46 -2.88 -14.77 13.12
C SER B 46 -2.68 -15.70 14.32
N GLY B 47 -3.17 -15.36 15.51
CA GLY B 47 -2.76 -15.97 16.74
C GLY B 47 -1.72 -15.20 17.50
N GLY B 48 -1.02 -14.29 16.85
CA GLY B 48 0.04 -13.52 17.49
C GLY B 48 -0.47 -12.39 18.34
N GLN B 49 0.45 -11.83 19.13
CA GLN B 49 0.10 -10.80 20.10
C GLN B 49 -0.59 -9.60 19.47
N ASP B 50 -0.07 -9.11 18.33
CA ASP B 50 -0.51 -7.81 17.85
C ASP B 50 -1.93 -7.86 17.33
N SER B 51 -2.22 -8.89 16.54
CA SER B 51 -3.55 -9.06 16.01
C SER B 51 -4.53 -9.47 17.09
N THR B 52 -4.09 -10.20 18.11
CA THR B 52 -5.00 -10.51 19.22
C THR B 52 -5.40 -9.21 19.93
N LEU B 53 -4.42 -8.34 20.19
CA LEU B 53 -4.67 -7.07 20.85
C LEU B 53 -5.58 -6.18 20.01
N ALA B 54 -5.16 -5.98 18.73
CA ALA B 54 -5.97 -5.09 17.88
C ALA B 54 -7.36 -5.67 17.69
N GLY B 55 -7.48 -6.97 17.58
CA GLY B 55 -8.81 -7.56 17.41
C GLY B 55 -9.70 -7.35 18.63
N ARG B 56 -9.13 -7.51 19.83
CA ARG B 56 -9.94 -7.30 21.02
C ARG B 56 -10.34 -5.84 21.16
N LEU B 57 -9.43 -4.89 20.85
CA LEU B 57 -9.77 -3.47 20.86
C LEU B 57 -10.92 -3.17 19.87
N ALA B 58 -10.83 -3.78 18.67
CA ALA B 58 -11.90 -3.59 17.70
C ALA B 58 -13.22 -4.08 18.19
N GLN B 59 -13.24 -5.25 18.80
CA GLN B 59 -14.48 -5.79 19.33
C GLN B 59 -15.05 -4.89 20.42
N LEU B 60 -14.21 -4.39 21.31
CA LEU B 60 -14.67 -3.47 22.33
C LEU B 60 -15.23 -2.21 21.69
N ALA B 61 -14.59 -1.70 20.63
CA ALA B 61 -15.08 -0.50 19.96
C ALA B 61 -16.48 -0.70 19.39
N VAL B 62 -16.66 -1.80 18.65
CA VAL B 62 -17.99 -2.02 18.04
C VAL B 62 -19.04 -2.25 19.10
N GLU B 63 -18.71 -2.95 20.19
CA GLU B 63 -19.68 -3.14 21.26
C GLU B 63 -20.08 -1.79 21.89
N SER B 64 -19.13 -0.89 22.04
CA SER B 64 -19.41 0.43 22.61
C SER B 64 -20.31 1.25 21.68
N ILE B 65 -20.03 1.20 20.38
CA ILE B 65 -20.89 1.87 19.43
C ILE B 65 -22.30 1.34 19.55
N ARG B 66 -22.48 0.03 19.64
CA ARG B 66 -23.84 -0.51 19.75
C ARG B 66 -24.46 -0.12 21.07
N GLU B 67 -23.71 -0.06 22.14
CA GLU B 67 -24.25 0.32 23.44
C GLU B 67 -24.80 1.74 23.45
N GLU B 68 -24.24 2.60 22.65
CA GLU B 68 -24.67 3.98 22.50
C GLU B 68 -25.73 4.12 21.41
N GLY B 69 -26.23 3.03 20.84
CA GLY B 69 -27.32 2.94 19.93
C GLY B 69 -26.96 3.00 18.49
N GLY B 70 -25.66 2.86 18.21
CA GLY B 70 -25.20 2.87 16.83
C GLY B 70 -25.13 1.46 16.23
N ASP B 71 -24.66 1.38 15.00
CA ASP B 71 -24.49 0.15 14.25
C ASP B 71 -23.04 -0.05 13.94
N ALA B 72 -22.48 -1.20 14.29
CA ALA B 72 -21.07 -1.50 13.99
C ALA B 72 -20.87 -2.99 14.16
N GLN B 73 -19.90 -3.55 13.42
CA GLN B 73 -19.54 -4.95 13.49
C GLN B 73 -18.06 -5.13 13.28
N PHE B 74 -17.55 -6.25 13.78
CA PHE B 74 -16.18 -6.66 13.58
C PHE B 74 -16.11 -8.06 13.00
N ILE B 75 -15.42 -8.18 11.86
CA ILE B 75 -15.09 -9.48 11.25
C ILE B 75 -13.62 -9.78 11.47
N ALA B 76 -13.38 -10.83 12.27
CA ALA B 76 -12.10 -11.45 12.43
C ALA B 76 -11.90 -12.49 11.32
N VAL B 77 -10.76 -12.50 10.66
CA VAL B 77 -10.56 -13.45 9.57
C VAL B 77 -9.26 -14.20 9.75
N ARG B 78 -9.37 -15.53 9.68
CA ARG B 78 -8.19 -16.39 9.59
C ARG B 78 -7.70 -16.43 8.17
N LEU B 79 -6.38 -16.31 7.96
CA LEU B 79 -5.79 -16.23 6.61
C LEU B 79 -4.64 -17.22 6.51
N PRO B 80 -4.90 -18.49 6.75
CA PRO B 80 -3.80 -19.46 6.66
C PRO B 80 -3.34 -19.60 5.19
N HIS B 81 -2.08 -19.99 5.05
CA HIS B 81 -1.56 -20.49 3.78
C HIS B 81 -1.51 -22.01 3.89
N GLY B 82 -2.56 -22.67 3.42
CA GLY B 82 -2.68 -24.09 3.68
C GLY B 82 -2.88 -24.35 5.17
N THR B 83 -2.19 -25.32 5.69
CA THR B 83 -2.25 -25.66 7.11
C THR B 83 -1.31 -24.76 7.89
N GLN B 84 -1.82 -23.95 8.83
CA GLN B 84 -0.99 -23.06 9.66
C GLN B 84 -0.54 -23.84 10.85
N GLN B 85 0.77 -23.88 11.09
CA GLN B 85 1.27 -24.78 12.13
C GLN B 85 0.72 -24.40 13.50
N ASP B 86 0.51 -23.14 13.79
CA ASP B 86 -0.01 -22.70 15.08
C ASP B 86 -1.48 -22.31 15.01
N GLU B 87 -2.25 -23.02 14.19
CA GLU B 87 -3.70 -22.81 14.11
C GLU B 87 -4.33 -22.81 15.49
N ASP B 88 -3.83 -23.70 16.35
CA ASP B 88 -4.43 -23.77 17.69
C ASP B 88 -4.38 -22.45 18.44
N ASP B 89 -3.26 -21.76 18.32
CA ASP B 89 -3.14 -20.44 18.95
C ASP B 89 -4.06 -19.41 18.29
N ALA B 90 -4.23 -19.49 16.97
CA ALA B 90 -5.19 -18.61 16.30
C ALA B 90 -6.61 -18.85 16.79
N GLN B 91 -6.97 -20.12 16.98
CA GLN B 91 -8.31 -20.45 17.48
C GLN B 91 -8.45 -19.94 18.92
N LEU B 92 -7.41 -20.03 19.75
CA LEU B 92 -7.42 -19.49 21.08
C LEU B 92 -7.61 -17.96 21.07
N ALA B 93 -6.92 -17.31 20.13
CA ALA B 93 -7.11 -15.86 19.97
C ALA B 93 -8.55 -15.53 19.63
N LEU B 94 -9.17 -16.29 18.70
CA LEU B 94 -10.55 -16.01 18.38
C LEU B 94 -11.41 -16.18 19.61
N LYS B 95 -11.19 -17.23 20.38
CA LYS B 95 -11.96 -17.51 21.57
C LYS B 95 -11.91 -16.35 22.58
N PHE B 96 -10.74 -15.75 22.74
CA PHE B 96 -10.48 -14.61 23.60
C PHE B 96 -11.12 -13.32 23.06
N ILE B 97 -10.94 -13.07 21.77
CA ILE B 97 -11.45 -11.84 21.13
C ILE B 97 -12.96 -11.77 21.21
N LYS B 98 -13.62 -12.90 20.97
CA LYS B 98 -15.08 -12.99 20.87
C LYS B 98 -15.60 -12.03 19.80
N PRO B 99 -15.09 -12.18 18.58
CA PRO B 99 -15.52 -11.26 17.52
C PRO B 99 -16.94 -11.50 17.11
N ASP B 100 -17.61 -10.52 16.57
CA ASP B 100 -18.95 -10.62 16.09
C ASP B 100 -19.05 -11.70 15.06
N LYS B 101 -18.10 -11.71 14.12
CA LYS B 101 -18.08 -12.63 12.99
C LYS B 101 -16.67 -13.21 12.87
N SER B 102 -16.60 -14.46 12.44
CA SER B 102 -15.37 -15.19 12.28
C SER B 102 -15.36 -15.81 10.89
N TRP B 103 -14.47 -15.34 10.02
CA TRP B 103 -14.35 -15.73 8.62
C TRP B 103 -12.99 -16.43 8.42
N LYS B 104 -12.86 -17.06 7.26
CA LYS B 104 -11.59 -17.70 6.90
C LYS B 104 -11.39 -17.60 5.39
N PHE B 105 -10.18 -17.29 5.00
CA PHE B 105 -9.79 -17.29 3.59
C PHE B 105 -8.39 -17.90 3.50
N ASP B 106 -8.30 -19.08 2.88
CA ASP B 106 -7.04 -19.77 2.70
C ASP B 106 -6.35 -19.18 1.46
N ILE B 107 -5.20 -18.58 1.64
CA ILE B 107 -4.51 -17.88 0.56
C ILE B 107 -3.70 -18.78 -0.34
N LYS B 108 -3.61 -20.07 -0.04
CA LYS B 108 -2.65 -20.89 -0.78
C LYS B 108 -2.94 -21.00 -2.26
N SER B 109 -4.19 -21.19 -2.68
CA SER B 109 -4.41 -21.40 -4.09
C SER B 109 -4.05 -20.13 -4.89
N THR B 110 -4.25 -18.96 -4.29
CA THR B 110 -3.91 -17.70 -4.94
C THR B 110 -2.39 -17.57 -5.07
N VAL B 111 -1.69 -17.85 -3.98
CA VAL B 111 -0.25 -17.74 -3.98
C VAL B 111 0.35 -18.76 -4.92
N SER B 112 -0.16 -19.98 -4.94
CA SER B 112 0.31 -21.00 -5.89
C SER B 112 0.06 -20.59 -7.33
N ALA B 113 -1.10 -20.03 -7.62
CA ALA B 113 -1.37 -19.59 -8.99
C ALA B 113 -0.38 -18.51 -9.40
N PHE B 114 -0.12 -17.59 -8.48
CA PHE B 114 0.81 -16.48 -8.77
C PHE B 114 2.19 -17.05 -9.03
N SER B 115 2.68 -17.93 -8.13
CA SER B 115 4.01 -18.49 -8.21
C SER B 115 4.21 -19.30 -9.48
N ASP B 116 3.21 -20.08 -9.83
CA ASP B 116 3.31 -20.89 -11.03
C ASP B 116 3.35 -19.98 -12.26
N GLN B 117 2.53 -18.92 -12.26
CA GLN B 117 2.53 -18.01 -13.41
C GLN B 117 3.85 -17.30 -13.48
N TYR B 118 4.42 -16.92 -12.33
CA TYR B 118 5.70 -16.20 -12.33
C TYR B 118 6.74 -17.04 -13.05
N GLN B 119 6.85 -18.30 -12.69
CA GLN B 119 7.87 -19.17 -13.32
C GLN B 119 7.56 -19.39 -14.77
N GLN B 120 6.29 -19.53 -15.14
CA GLN B 120 5.95 -19.67 -16.57
C GLN B 120 6.33 -18.45 -17.37
N GLU B 121 6.07 -17.28 -16.87
CA GLU B 121 6.29 -16.03 -17.60
C GLU B 121 7.72 -15.64 -17.70
N THR B 122 8.48 -15.84 -16.61
CA THR B 122 9.84 -15.32 -16.54
C THR B 122 10.89 -16.41 -16.70
N GLY B 123 10.51 -17.67 -16.57
CA GLY B 123 11.40 -18.81 -16.53
C GLY B 123 12.11 -18.97 -15.22
N ASP B 124 11.85 -18.23 -14.20
CA ASP B 124 12.49 -18.04 -12.94
C ASP B 124 11.54 -18.49 -11.82
N GLN B 125 12.03 -19.34 -10.96
CA GLN B 125 11.33 -19.73 -9.76
C GLN B 125 11.20 -18.52 -8.83
N LEU B 126 10.00 -18.28 -8.28
CA LEU B 126 9.81 -17.26 -7.26
C LEU B 126 10.43 -17.81 -6.01
N THR B 127 11.33 -17.13 -5.37
CA THR B 127 12.18 -17.43 -4.30
C THR B 127 11.33 -17.38 -3.03
N ASP B 128 11.78 -18.09 -1.99
CA ASP B 128 11.01 -18.11 -0.75
C ASP B 128 10.80 -16.74 -0.15
N PHE B 129 11.82 -15.87 -0.16
CA PHE B 129 11.64 -14.55 0.43
C PHE B 129 10.58 -13.74 -0.33
N ASN B 130 10.69 -13.78 -1.67
CA ASN B 130 9.71 -13.01 -2.46
C ASN B 130 8.35 -13.66 -2.36
N LYS B 131 8.24 -14.99 -2.32
CA LYS B 131 6.93 -15.63 -2.12
C LYS B 131 6.36 -15.27 -0.79
N GLY B 132 7.17 -15.09 0.25
CA GLY B 132 6.64 -14.69 1.54
C GLY B 132 5.96 -13.35 1.46
N ASN B 133 6.55 -12.42 0.69
CA ASN B 133 5.90 -11.13 0.52
C ASN B 133 4.65 -11.23 -0.34
N VAL B 134 4.61 -12.13 -1.29
CA VAL B 134 3.38 -12.42 -2.02
C VAL B 134 2.31 -12.88 -1.04
N LYS B 135 2.65 -13.75 -0.09
CA LYS B 135 1.64 -14.18 0.91
C LYS B 135 1.11 -13.01 1.70
N ALA B 136 1.99 -12.13 2.17
CA ALA B 136 1.54 -10.99 2.98
C ALA B 136 0.66 -10.06 2.17
N ARG B 137 1.00 -9.83 0.89
CA ARG B 137 0.19 -8.98 0.04
C ARG B 137 -1.11 -9.64 -0.33
N THR B 138 -1.17 -10.96 -0.47
CA THR B 138 -2.40 -11.66 -0.74
C THR B 138 -3.33 -11.53 0.46
N ARG B 139 -2.77 -11.60 1.66
CA ARG B 139 -3.60 -11.32 2.85
C ARG B 139 -4.21 -9.92 2.83
N MET B 140 -3.45 -8.94 2.38
CA MET B 140 -4.00 -7.59 2.22
C MET B 140 -5.13 -7.62 1.25
N ILE B 141 -4.97 -8.27 0.09
CA ILE B 141 -6.02 -8.32 -0.89
C ILE B 141 -7.28 -8.95 -0.27
N ALA B 142 -7.11 -10.04 0.47
CA ALA B 142 -8.24 -10.74 1.07
C ALA B 142 -9.01 -9.82 2.02
N GLN B 143 -8.29 -9.11 2.86
CA GLN B 143 -8.95 -8.23 3.84
C GLN B 143 -9.65 -7.09 3.12
N TYR B 144 -9.03 -6.49 2.10
CA TYR B 144 -9.70 -5.44 1.35
C TYR B 144 -10.90 -5.97 0.55
N ALA B 145 -10.86 -7.23 0.11
CA ALA B 145 -12.03 -7.78 -0.60
C ALA B 145 -13.20 -7.96 0.36
N ILE B 146 -12.92 -8.52 1.55
CA ILE B 146 -13.97 -8.64 2.58
C ILE B 146 -14.47 -7.26 2.93
N GLY B 147 -13.55 -6.32 3.18
CA GLY B 147 -13.93 -4.98 3.56
C GLY B 147 -14.76 -4.29 2.49
N GLY B 148 -14.41 -4.47 1.23
CA GLY B 148 -15.14 -3.86 0.16
C GLY B 148 -16.51 -4.48 0.01
N GLN B 149 -16.59 -5.82 0.13
CA GLN B 149 -17.87 -6.49 0.03
C GLN B 149 -18.81 -6.16 1.16
N GLU B 150 -18.28 -5.97 2.37
CA GLU B 150 -19.10 -5.85 3.56
C GLU B 150 -19.15 -4.44 4.11
N GLY B 151 -18.47 -3.48 3.53
CA GLY B 151 -18.50 -2.10 3.92
C GLY B 151 -17.71 -1.76 5.18
N LEU B 152 -16.55 -2.39 5.33
CA LEU B 152 -15.75 -2.27 6.53
C LEU B 152 -14.40 -1.63 6.23
N LEU B 153 -13.77 -1.09 7.26
CA LEU B 153 -12.41 -0.61 7.24
C LEU B 153 -11.44 -1.76 7.63
N VAL B 154 -10.28 -1.75 7.02
CA VAL B 154 -9.23 -2.73 7.30
C VAL B 154 -8.34 -2.22 8.39
N LEU B 155 -8.31 -2.94 9.51
CA LEU B 155 -7.38 -2.58 10.59
C LEU B 155 -5.96 -3.03 10.26
N GLY B 156 -4.96 -2.27 10.69
CA GLY B 156 -3.60 -2.73 10.66
C GLY B 156 -3.05 -2.87 12.04
N THR B 157 -2.02 -3.73 12.18
CA THR B 157 -1.47 -4.03 13.49
C THR B 157 -0.08 -3.43 13.73
N ASP B 158 0.35 -2.52 12.84
CA ASP B 158 1.63 -1.91 13.05
C ASP B 158 1.68 -1.18 14.40
N HIS B 159 2.84 -1.25 15.01
CA HIS B 159 3.16 -0.63 16.30
C HIS B 159 4.60 -0.19 16.24
N ALA B 160 5.07 0.49 17.29
CA ALA B 160 6.38 1.12 17.20
C ALA B 160 7.50 0.12 17.04
N ALA B 161 7.44 -1.02 17.64
CA ALA B 161 8.51 -1.99 17.60
C ALA B 161 8.66 -2.68 16.24
N GLU B 162 7.60 -2.77 15.43
CA GLU B 162 7.70 -3.14 14.03
C GLU B 162 8.01 -1.94 13.15
N ALA B 163 7.47 -0.80 13.48
CA ALA B 163 7.65 0.40 12.67
C ALA B 163 9.13 0.76 12.61
N VAL B 164 9.83 0.72 13.75
CA VAL B 164 11.18 1.25 13.79
C VAL B 164 12.16 0.47 12.91
N THR B 165 11.89 -0.84 12.75
CA THR B 165 12.69 -1.75 11.95
C THR B 165 12.11 -1.96 10.56
N GLY B 166 10.97 -1.41 10.27
CA GLY B 166 10.27 -1.70 9.01
C GLY B 166 9.96 -3.18 8.86
N PHE B 167 9.61 -3.82 9.97
CA PHE B 167 9.36 -5.26 9.97
C PHE B 167 7.92 -5.60 9.66
N PHE B 168 7.59 -5.30 8.41
CA PHE B 168 6.27 -5.55 7.83
C PHE B 168 6.47 -5.52 6.33
N THR B 169 5.58 -6.14 5.59
CA THR B 169 5.65 -6.08 4.13
C THR B 169 4.93 -4.82 3.66
N LYS B 170 5.65 -4.08 2.81
CA LYS B 170 5.16 -2.87 2.22
C LYS B 170 3.94 -3.20 1.36
N TYR B 171 2.79 -2.61 1.66
CA TYR B 171 1.54 -2.91 0.98
C TYR B 171 1.07 -4.35 1.17
N GLY B 172 1.61 -5.00 2.17
CA GLY B 172 1.09 -6.28 2.64
C GLY B 172 0.38 -6.01 3.93
N ASP B 173 0.93 -6.50 5.04
CA ASP B 173 0.40 -6.14 6.36
C ASP B 173 0.56 -4.64 6.64
N GLY B 174 1.49 -3.96 5.97
CA GLY B 174 1.54 -2.51 6.03
C GLY B 174 0.32 -1.82 5.43
N GLY B 175 -0.37 -2.47 4.52
CA GLY B 175 -1.52 -1.90 3.86
C GLY B 175 -2.77 -2.04 4.71
N ALA B 176 -3.21 -0.94 5.32
CA ALA B 176 -4.35 -0.92 6.18
C ALA B 176 -4.98 0.45 6.13
N ASP B 177 -6.17 0.58 6.74
CA ASP B 177 -6.88 1.86 6.77
C ASP B 177 -6.60 2.65 8.05
N LEU B 178 -6.43 1.99 9.19
CA LEU B 178 -6.23 2.67 10.46
C LEU B 178 -5.54 1.72 11.42
N LEU B 179 -4.83 2.33 12.38
CA LEU B 179 -3.80 1.64 13.17
C LEU B 179 -4.04 1.89 14.67
N PRO B 180 -4.73 0.98 15.37
CA PRO B 180 -4.95 1.23 16.81
C PRO B 180 -3.72 1.08 17.66
N LEU B 181 -2.66 0.46 17.19
CA LEU B 181 -1.49 0.14 18.03
C LEU B 181 -0.32 1.08 17.86
N THR B 182 -0.44 2.14 17.07
CA THR B 182 0.66 3.06 16.84
C THR B 182 1.23 3.56 18.14
N GLY B 183 2.54 3.60 18.20
CA GLY B 183 3.23 4.15 19.37
C GLY B 183 3.54 3.15 20.44
N LEU B 184 2.88 2.00 20.46
CA LEU B 184 3.20 0.99 21.49
C LEU B 184 4.46 0.24 21.17
N THR B 185 5.30 0.04 22.21
CA THR B 185 6.42 -0.90 22.09
C THR B 185 5.89 -2.32 22.25
N LYS B 186 6.73 -3.32 22.02
CA LYS B 186 6.24 -4.69 22.07
C LYS B 186 5.75 -5.04 23.48
N ARG B 187 6.57 -4.72 24.47
CA ARG B 187 6.20 -5.03 25.84
C ARG B 187 5.05 -4.17 26.31
N GLN B 188 4.87 -2.97 25.82
CA GLN B 188 3.72 -2.14 26.17
C GLN B 188 2.44 -2.79 25.62
N GLY B 189 2.47 -3.25 24.36
CA GLY B 189 1.31 -3.96 23.84
C GLY B 189 0.99 -5.18 24.64
N ARG B 190 2.04 -5.89 25.10
CA ARG B 190 1.84 -7.07 25.93
C ARG B 190 1.10 -6.71 27.22
N THR B 191 1.47 -5.59 27.82
CA THR B 191 0.80 -5.12 29.03
C THR B 191 -0.67 -4.86 28.76
N LEU B 192 -1.03 -4.26 27.62
CA LEU B 192 -2.42 -4.07 27.32
C LEU B 192 -3.17 -5.37 27.21
N LEU B 193 -2.56 -6.34 26.49
CA LEU B 193 -3.22 -7.60 26.22
C LEU B 193 -3.41 -8.35 27.49
N LYS B 194 -2.43 -8.29 28.39
CA LYS B 194 -2.58 -8.88 29.72
C LYS B 194 -3.69 -8.21 30.52
N GLU B 195 -3.78 -6.89 30.49
CA GLU B 195 -4.82 -6.14 31.23
C GLU B 195 -6.21 -6.48 30.69
N LEU B 196 -6.33 -6.78 29.40
CA LEU B 196 -7.57 -7.22 28.78
C LEU B 196 -7.97 -8.63 29.13
N GLY B 197 -7.13 -9.34 29.87
CA GLY B 197 -7.46 -10.66 30.40
C GLY B 197 -7.04 -11.82 29.52
N ALA B 198 -6.14 -11.57 28.57
CA ALA B 198 -5.65 -12.67 27.74
C ALA B 198 -4.79 -13.63 28.53
N PRO B 199 -4.81 -14.92 28.16
CA PRO B 199 -3.90 -15.85 28.85
C PRO B 199 -2.45 -15.64 28.42
N GLU B 200 -1.52 -16.10 29.24
CA GLU B 200 -0.13 -16.01 28.94
C GLU B 200 0.21 -16.65 27.58
N ARG B 201 -0.46 -17.72 27.22
CA ARG B 201 -0.16 -18.38 25.96
C ARG B 201 -0.28 -17.41 24.80
N LEU B 202 -1.17 -16.41 24.92
CA LEU B 202 -1.32 -15.41 23.87
C LEU B 202 -0.38 -14.25 24.10
N TYR B 203 -0.31 -13.64 25.33
CA TYR B 203 0.44 -12.43 25.46
C TYR B 203 1.95 -12.63 25.55
N LEU B 204 2.40 -13.85 25.81
CA LEU B 204 3.81 -14.18 25.73
C LEU B 204 4.15 -15.02 24.52
N LYS B 205 3.27 -15.10 23.56
CA LYS B 205 3.54 -15.89 22.36
C LYS B 205 4.71 -15.31 21.58
N GLU B 206 5.63 -16.21 21.18
CA GLU B 206 6.78 -15.80 20.38
C GLU B 206 6.41 -15.15 19.05
N PRO B 207 6.81 -13.92 18.79
CA PRO B 207 6.50 -13.30 17.51
C PRO B 207 7.05 -14.06 16.31
N THR B 208 6.22 -14.13 15.29
CA THR B 208 6.67 -14.65 14.00
C THR B 208 5.81 -14.09 12.90
N ALA B 209 6.44 -13.84 11.73
CA ALA B 209 5.72 -13.46 10.52
C ALA B 209 5.19 -14.67 9.79
N ASP B 210 5.82 -15.83 10.03
CA ASP B 210 5.52 -17.12 9.45
C ASP B 210 5.22 -17.04 7.95
N LEU B 211 6.09 -16.44 7.13
CA LEU B 211 5.94 -16.28 5.70
C LEU B 211 6.74 -17.26 4.85
N LEU B 212 7.73 -17.92 5.42
CA LEU B 212 8.64 -18.75 4.62
C LEU B 212 8.24 -20.21 4.62
N ASP B 213 8.26 -20.81 3.42
CA ASP B 213 8.09 -22.24 3.29
C ASP B 213 9.33 -23.00 3.82
N GLU B 214 10.56 -22.46 3.65
CA GLU B 214 11.74 -23.21 4.01
C GLU B 214 12.09 -23.03 5.48
N LYS B 215 11.51 -22.00 6.11
CA LYS B 215 11.77 -21.72 7.50
C LYS B 215 10.48 -21.28 8.18
N PRO B 216 9.51 -22.19 8.24
CA PRO B 216 8.21 -21.78 8.85
C PRO B 216 8.36 -21.37 10.29
N GLN B 217 7.48 -20.46 10.71
CA GLN B 217 7.45 -20.03 12.12
C GLN B 217 8.78 -19.49 12.57
N GLN B 218 9.57 -18.92 11.67
CA GLN B 218 10.83 -18.31 12.10
C GLN B 218 10.56 -17.15 13.03
N SER B 219 11.33 -17.03 14.12
CA SER B 219 11.04 -15.94 15.04
C SER B 219 11.63 -14.66 14.45
N ASP B 220 10.92 -13.58 14.80
CA ASP B 220 11.34 -12.26 14.31
C ASP B 220 12.78 -11.99 14.72
N GLU B 221 13.10 -12.31 15.96
CA GLU B 221 14.46 -12.04 16.45
C GLU B 221 15.51 -12.75 15.63
N THR B 222 15.25 -13.97 15.13
CA THR B 222 16.17 -14.74 14.28
C THR B 222 16.44 -13.94 13.05
N GLU B 223 15.36 -13.40 12.47
CA GLU B 223 15.54 -12.59 11.26
C GLU B 223 16.21 -11.24 11.49
N LEU B 224 15.86 -10.54 12.56
CA LEU B 224 16.33 -9.20 12.83
C LEU B 224 17.74 -9.15 13.37
N GLY B 225 18.09 -10.21 14.11
CA GLY B 225 19.43 -10.11 14.74
C GLY B 225 19.41 -9.22 15.98
N ILE B 226 18.26 -8.77 16.43
CA ILE B 226 18.09 -8.03 17.68
C ILE B 226 16.78 -8.44 18.32
N SER B 227 16.74 -8.34 19.64
CA SER B 227 15.51 -8.82 20.28
C SER B 227 14.55 -7.72 20.57
N TYR B 228 13.27 -8.05 20.76
CA TYR B 228 12.28 -7.04 21.04
C TYR B 228 12.60 -6.29 22.32
N ASP B 229 13.20 -6.91 23.34
CA ASP B 229 13.35 -6.07 24.52
C ASP B 229 14.43 -5.02 24.30
N GLU B 230 15.44 -5.24 23.47
CA GLU B 230 16.40 -4.22 23.11
C GLU B 230 15.75 -3.11 22.32
N ILE B 231 14.91 -3.48 21.35
CA ILE B 231 14.16 -2.50 20.58
C ILE B 231 13.29 -1.66 21.49
N ASP B 232 12.60 -2.33 22.42
CA ASP B 232 11.70 -1.60 23.33
C ASP B 232 12.49 -0.66 24.23
N ASP B 233 13.64 -1.10 24.76
CA ASP B 233 14.47 -0.20 25.56
C ASP B 233 14.82 1.03 24.76
N TYR B 234 15.27 0.86 23.51
CA TYR B 234 15.63 2.00 22.69
C TYR B 234 14.46 2.95 22.53
N LEU B 235 13.31 2.41 22.13
CA LEU B 235 12.13 3.23 21.85
C LEU B 235 11.64 3.96 23.09
N GLU B 236 11.77 3.36 24.27
CA GLU B 236 11.26 3.96 25.50
C GLU B 236 12.27 4.95 26.11
N GLY B 237 13.40 5.15 25.47
CA GLY B 237 14.37 6.13 25.91
C GLY B 237 15.32 5.65 26.96
N LYS B 238 15.48 4.35 27.12
CA LYS B 238 16.48 3.75 28.00
C LYS B 238 17.85 3.76 27.31
N GLU B 239 18.89 3.64 28.10
CA GLU B 239 20.25 3.37 27.64
C GLU B 239 20.32 2.00 26.98
N VAL B 240 20.90 1.94 25.77
CA VAL B 240 21.21 0.68 25.12
C VAL B 240 22.67 0.70 24.65
N SER B 241 23.15 -0.47 24.29
CA SER B 241 24.51 -0.64 23.72
C SER B 241 24.65 0.17 22.43
N ALA B 242 25.89 0.57 22.09
CA ALA B 242 26.17 1.30 20.87
C ALA B 242 25.81 0.36 19.73
N LYS B 243 26.01 -0.90 19.95
CA LYS B 243 25.62 -1.95 19.02
C LYS B 243 24.15 -1.82 18.62
N VAL B 244 23.29 -1.76 19.63
CA VAL B 244 21.85 -1.70 19.41
C VAL B 244 21.49 -0.38 18.77
N SER B 245 21.98 0.73 19.27
CA SER B 245 21.54 2.05 18.78
C SER B 245 22.04 2.25 17.34
N GLU B 246 23.28 1.85 17.03
CA GLU B 246 23.81 2.06 15.67
C GLU B 246 22.95 1.23 14.73
N ALA B 247 22.61 0.04 15.10
CA ALA B 247 21.90 -0.86 14.25
C ALA B 247 20.47 -0.41 14.02
N LEU B 248 19.79 0.01 15.05
CA LEU B 248 18.42 0.52 14.92
C LEU B 248 18.34 1.84 14.17
N GLU B 249 19.28 2.73 14.39
CA GLU B 249 19.25 4.00 13.66
C GLU B 249 19.50 3.78 12.16
N LYS B 250 20.39 2.88 11.80
CA LYS B 250 20.64 2.62 10.40
C LYS B 250 19.42 1.97 9.79
N ARG B 251 18.80 1.00 10.47
CA ARG B 251 17.64 0.35 9.91
C ARG B 251 16.44 1.26 9.77
N TYR B 252 16.26 2.13 10.75
CA TYR B 252 15.20 3.16 10.70
C TYR B 252 15.37 3.98 9.44
N SER B 253 16.60 4.46 9.20
CA SER B 253 16.77 5.31 7.99
C SER B 253 16.50 4.52 6.74
N MET B 254 16.97 3.26 6.71
CA MET B 254 16.85 2.43 5.51
C MET B 254 15.40 2.08 5.20
N THR B 255 14.52 2.16 6.19
CA THR B 255 13.12 1.76 6.04
C THR B 255 12.14 2.92 6.13
N GLU B 256 12.61 4.17 6.09
CA GLU B 256 11.70 5.32 6.10
C GLU B 256 10.67 5.25 4.98
N HIS B 257 11.08 4.67 3.83
CA HIS B 257 10.13 4.57 2.72
C HIS B 257 8.90 3.78 3.07
N LYS B 258 8.99 2.85 4.05
CA LYS B 258 7.82 2.10 4.44
C LYS B 258 6.85 2.89 5.33
N ARG B 259 7.31 4.05 5.87
CA ARG B 259 6.52 4.82 6.79
C ARG B 259 6.05 6.14 6.18
N GLN B 260 6.18 6.27 4.87
CA GLN B 260 5.77 7.46 4.13
C GLN B 260 4.97 7.02 2.90
N VAL B 261 4.15 7.93 2.39
CA VAL B 261 3.52 7.69 1.08
C VAL B 261 4.65 7.62 0.05
N PRO B 262 4.36 7.12 -1.16
CA PRO B 262 5.44 6.96 -2.15
C PRO B 262 6.20 8.26 -2.38
N ALA B 263 7.49 8.16 -2.57
CA ALA B 263 8.34 9.31 -2.70
C ALA B 263 8.15 10.03 -4.03
N SER B 264 8.08 11.34 -3.96
CA SER B 264 8.19 12.19 -5.15
C SER B 264 9.32 13.16 -4.97
N MET B 265 9.56 13.95 -6.01
CA MET B 265 10.62 14.95 -5.98
C MET B 265 10.31 16.07 -4.97
N PHE B 266 9.11 16.21 -4.56
CA PHE B 266 8.65 17.16 -3.56
C PHE B 266 8.90 16.72 -2.11
N ASP B 267 9.33 15.50 -1.91
CA ASP B 267 9.72 14.98 -0.61
C ASP B 267 11.21 15.06 -0.39
N ASP B 268 11.59 15.25 0.87
CA ASP B 268 13.00 15.32 1.23
C ASP B 268 13.41 14.29 2.25
N TRP B 269 12.47 13.48 2.77
CA TRP B 269 12.83 12.55 3.86
C TRP B 269 13.83 11.52 3.45
N TRP B 270 13.93 11.25 2.14
CA TRP B 270 14.82 10.22 1.61
C TRP B 270 16.24 10.71 1.34
N LYS B 271 16.47 11.99 1.44
CA LYS B 271 17.73 12.55 1.04
C LYS B 271 18.81 12.41 2.15
#